data_2XYU
#
_entry.id   2XYU
#
_cell.length_a   32.544
_cell.length_b   91.545
_cell.length_c   97.959
_cell.angle_alpha   90.00
_cell.angle_beta   90.00
_cell.angle_gamma   90.00
#
_symmetry.space_group_name_H-M   'P 21 21 21'
#
loop_
_entity.id
_entity.type
_entity.pdbx_description
1 polymer 'EPHRIN TYPE-A RECEPTOR 4,'
2 non-polymer GLYCEROL
3 non-polymer 5-(5-FLUORO-2-METHYLPHENYL)-6,7,8,9-TETRAHYDRO-3H-PYRAZOLO[3,4-C]ISOQUINOLIN-1-AMINE
4 water water
#
_entity_poly.entity_id   1
_entity_poly.type   'polypeptide(L)'
_entity_poly.pdbx_seq_one_letter_code
;FAKEIDASCIKIEKVIGVGEFGEVCSGRLKVPGKREICVAIKTLKAGYTDKQRRDFLSEASIMGQFDHPNIIHLEGVVTK
CKPVMIITEYMENGSLDAFLRKNDGRFTVIQLVGMLRGIGSGMKYLSDMSYVHRDLAARNILVNSNLVCKVSDFGMSRVL
EDDPEAAYTTRGGKIPIRWTAPEAIAYRKFTSASDVWSYGIVMWEVMSYGERPYWDMSNQDVIKAIEEGYRLPPPMDCPI
ALHQLMLDCWQKERSDRPKFGQIVNMLDKLIRNPNSLKRTGSESS
;
_entity_poly.pdbx_strand_id   A
#
# COMPACT_ATOMS: atom_id res chain seq x y z
N PHE A 1 -15.95 -12.19 -8.52
CA PHE A 1 -16.19 -11.20 -9.55
C PHE A 1 -16.56 -9.82 -8.96
N ALA A 2 -16.75 -8.84 -9.84
CA ALA A 2 -17.04 -7.46 -9.41
C ALA A 2 -18.47 -7.03 -9.75
N LYS A 3 -19.09 -6.32 -8.82
CA LYS A 3 -20.49 -5.94 -8.90
C LYS A 3 -20.76 -4.79 -9.88
N GLU A 4 -21.85 -4.89 -10.65
CA GLU A 4 -22.26 -3.80 -11.53
C GLU A 4 -23.08 -2.77 -10.77
N ILE A 5 -22.67 -1.51 -10.88
CA ILE A 5 -23.37 -0.41 -10.24
C ILE A 5 -24.09 0.44 -11.27
N ASP A 6 -25.39 0.62 -11.08
CA ASP A 6 -26.19 1.53 -11.89
C ASP A 6 -25.59 2.93 -11.82
N ALA A 7 -25.21 3.46 -12.99
CA ALA A 7 -24.58 4.79 -13.09
C ALA A 7 -25.39 5.93 -12.49
N SER A 8 -26.69 5.72 -12.31
CA SER A 8 -27.52 6.75 -11.68
C SER A 8 -27.31 6.79 -10.16
N CYS A 9 -26.80 5.71 -9.58
CA CYS A 9 -26.48 5.67 -8.16
C CYS A 9 -25.21 6.47 -7.85
N ILE A 10 -24.59 7.02 -8.88
CA ILE A 10 -23.29 7.68 -8.73
C ILE A 10 -23.31 9.16 -9.12
N LYS A 11 -22.68 9.97 -8.28
CA LYS A 11 -22.56 11.40 -8.50
C LYS A 11 -21.09 11.79 -8.34
N ILE A 12 -20.50 12.28 -9.42
CA ILE A 12 -19.10 12.70 -9.37
C ILE A 12 -18.98 14.13 -8.84
N GLU A 13 -17.99 14.36 -7.98
CA GLU A 13 -17.79 15.68 -7.37
C GLU A 13 -16.58 16.42 -7.93
N LYS A 14 -15.39 15.83 -7.79
CA LYS A 14 -14.15 16.49 -8.22
C LYS A 14 -13.09 15.49 -8.71
N VAL A 15 -12.23 15.95 -9.61
CA VAL A 15 -11.06 15.17 -10.00
C VAL A 15 -10.02 15.31 -8.91
N ILE A 16 -9.60 14.21 -8.32
CA ILE A 16 -8.60 14.28 -7.26
C ILE A 16 -7.22 13.86 -7.74
N GLY A 17 -7.16 13.32 -8.96
CA GLY A 17 -5.89 12.85 -9.51
C GLY A 17 -5.90 12.50 -10.98
N VAL A 18 -4.71 12.50 -11.57
CA VAL A 18 -4.55 12.21 -12.99
C VAL A 18 -3.34 11.31 -13.24
N GLY A 19 -3.31 10.68 -14.41
CA GLY A 19 -2.22 9.80 -14.80
C GLY A 19 -2.40 9.35 -16.24
N GLU A 20 -1.42 8.61 -16.76
CA GLU A 20 -1.49 8.14 -18.15
C GLU A 20 -2.66 7.18 -18.37
N PHE A 21 -3.09 6.53 -17.30
CA PHE A 21 -4.21 5.59 -17.35
C PHE A 21 -5.56 6.31 -17.44
N GLY A 22 -5.59 7.57 -16.98
CA GLY A 22 -6.81 8.34 -16.99
C GLY A 22 -6.94 9.32 -15.83
N GLU A 23 -7.95 9.11 -15.00
CA GLU A 23 -8.30 10.05 -13.96
C GLU A 23 -8.95 9.33 -12.78
N VAL A 24 -8.70 9.84 -11.58
CA VAL A 24 -9.40 9.40 -10.39
C VAL A 24 -10.19 10.58 -9.85
N CYS A 25 -11.44 10.34 -9.53
CA CYS A 25 -12.32 11.38 -8.99
C CYS A 25 -12.84 10.94 -7.62
N SER A 26 -13.39 11.90 -6.88
CA SER A 26 -14.12 11.58 -5.67
C SER A 26 -15.58 11.91 -5.93
N GLY A 27 -16.50 11.22 -5.24
CA GLY A 27 -17.92 11.43 -5.43
C GLY A 27 -18.74 10.68 -4.40
N ARG A 28 -20.00 10.41 -4.73
CA ARG A 28 -20.92 9.76 -3.80
C ARG A 28 -21.63 8.60 -4.45
N LEU A 29 -21.84 7.53 -3.67
CA LEU A 29 -22.58 6.37 -4.12
C LEU A 29 -23.79 6.16 -3.20
N LYS A 30 -24.97 6.18 -3.79
CA LYS A 30 -26.20 5.99 -3.03
C LYS A 30 -27.04 4.93 -3.71
N VAL A 31 -27.09 3.76 -3.09
CA VAL A 31 -27.95 2.68 -3.56
C VAL A 31 -29.25 2.73 -2.76
N PRO A 32 -30.38 2.55 -3.46
CA PRO A 32 -31.71 2.65 -2.85
C PRO A 32 -31.81 1.88 -1.53
N GLY A 33 -32.38 2.53 -0.51
CA GLY A 33 -32.56 1.91 0.79
C GLY A 33 -31.30 1.84 1.62
N LYS A 34 -30.19 2.28 1.02
CA LYS A 34 -28.90 2.27 1.71
C LYS A 34 -28.40 3.68 1.96
N ARG A 35 -27.57 3.84 2.99
CA ARG A 35 -26.92 5.12 3.26
C ARG A 35 -25.99 5.49 2.11
N GLU A 36 -25.91 6.78 1.82
CA GLU A 36 -24.94 7.32 0.87
C GLU A 36 -23.53 7.19 1.45
N ILE A 37 -22.56 6.86 0.60
CA ILE A 37 -21.16 6.89 1.03
C ILE A 37 -20.35 7.67 0.02
N CYS A 38 -19.20 8.17 0.46
CA CYS A 38 -18.22 8.75 -0.44
C CYS A 38 -17.45 7.61 -1.11
N VAL A 39 -17.02 7.82 -2.34
CA VAL A 39 -16.28 6.82 -3.09
C VAL A 39 -15.20 7.50 -3.93
N ALA A 40 -14.20 6.73 -4.31
CA ALA A 40 -13.23 7.22 -5.28
C ALA A 40 -13.61 6.54 -6.58
N ILE A 41 -13.41 7.23 -7.70
CA ILE A 41 -13.79 6.66 -9.01
C ILE A 41 -12.63 6.70 -9.99
N LYS A 42 -12.22 5.55 -10.48
CA LYS A 42 -11.18 5.50 -11.50
C LYS A 42 -11.79 5.28 -12.87
N THR A 43 -11.48 6.19 -13.79
CA THR A 43 -12.04 6.12 -15.13
C THR A 43 -10.93 5.88 -16.14
N LEU A 44 -11.23 5.12 -17.17
CA LEU A 44 -10.26 4.84 -18.22
C LEU A 44 -10.08 6.09 -19.12
N LYS A 45 -8.83 6.40 -19.46
CA LYS A 45 -8.49 7.55 -20.30
C LYS A 45 -9.27 7.58 -21.62
N ALA A 46 -9.57 8.79 -22.09
CA ALA A 46 -10.41 9.00 -23.28
C ALA A 46 -9.86 8.28 -24.52
N GLY A 47 -10.76 7.67 -25.29
CA GLY A 47 -10.36 7.02 -26.54
C GLY A 47 -9.75 5.62 -26.36
N TYR A 48 -9.93 5.03 -25.18
CA TYR A 48 -9.38 3.69 -24.91
C TYR A 48 -9.92 2.63 -25.86
N THR A 49 -9.04 1.68 -26.22
CA THR A 49 -9.43 0.56 -27.05
C THR A 49 -10.13 -0.54 -26.25
N ASP A 50 -10.57 -1.58 -26.95
CA ASP A 50 -11.13 -2.76 -26.28
C ASP A 50 -10.09 -3.53 -25.45
N LYS A 51 -8.88 -3.68 -25.98
CA LYS A 51 -7.80 -4.30 -25.23
C LYS A 51 -7.63 -3.57 -23.89
N GLN A 52 -7.43 -2.26 -23.95
CA GLN A 52 -7.24 -1.45 -22.77
C GLN A 52 -8.39 -1.53 -21.75
N ARG A 53 -9.62 -1.56 -22.25
CA ARG A 53 -10.78 -1.73 -21.39
C ARG A 53 -10.67 -3.07 -20.63
N ARG A 54 -10.42 -4.15 -21.36
CA ARG A 54 -10.24 -5.47 -20.74
C ARG A 54 -9.15 -5.49 -19.67
N ASP A 55 -8.01 -4.88 -19.97
CA ASP A 55 -6.92 -4.75 -19.02
C ASP A 55 -7.35 -3.94 -17.79
N PHE A 56 -8.35 -3.08 -17.99
CA PHE A 56 -8.84 -2.22 -16.94
C PHE A 56 -9.81 -3.00 -16.04
N LEU A 57 -10.81 -3.64 -16.66
CA LEU A 57 -11.74 -4.45 -15.91
C LEU A 57 -11.10 -5.72 -15.34
N SER A 58 -9.84 -5.97 -15.72
CA SER A 58 -9.09 -7.08 -15.15
C SER A 58 -8.59 -6.70 -13.76
N GLU A 59 -8.19 -5.44 -13.58
CA GLU A 59 -7.77 -4.97 -12.28
C GLU A 59 -8.94 -4.98 -11.28
N ALA A 60 -10.16 -4.71 -11.76
CA ALA A 60 -11.34 -4.73 -10.89
C ALA A 60 -11.62 -6.16 -10.47
N SER A 61 -11.49 -7.07 -11.43
CA SER A 61 -11.63 -8.50 -11.20
C SER A 61 -10.77 -8.99 -10.02
N ILE A 62 -9.51 -8.58 -10.03
CA ILE A 62 -8.54 -8.97 -9.01
C ILE A 62 -8.92 -8.38 -7.65
N MET A 63 -9.10 -7.07 -7.63
CA MET A 63 -9.54 -6.37 -6.44
C MET A 63 -10.78 -7.04 -5.86
N GLY A 64 -11.65 -7.53 -6.74
CA GLY A 64 -12.90 -8.13 -6.34
C GLY A 64 -12.73 -9.40 -5.52
N GLN A 65 -11.55 -10.03 -5.61
CA GLN A 65 -11.25 -11.23 -4.82
C GLN A 65 -10.95 -10.91 -3.34
N PHE A 66 -10.68 -9.66 -3.02
CA PHE A 66 -10.15 -9.35 -1.68
C PHE A 66 -11.16 -8.71 -0.75
N ASP A 67 -11.39 -9.34 0.40
CA ASP A 67 -12.33 -8.80 1.39
C ASP A 67 -11.63 -8.74 2.75
N HIS A 68 -10.94 -7.64 3.02
CA HIS A 68 -10.13 -7.54 4.22
C HIS A 68 -10.07 -6.08 4.61
N PRO A 69 -10.13 -5.81 5.92
CA PRO A 69 -10.24 -4.41 6.36
C PRO A 69 -9.01 -3.58 6.02
N ASN A 70 -7.88 -4.19 5.67
CA ASN A 70 -6.69 -3.43 5.30
C ASN A 70 -6.31 -3.54 3.83
N ILE A 71 -7.28 -3.92 3.01
CA ILE A 71 -7.15 -3.91 1.55
C ILE A 71 -8.25 -3.02 1.00
N ILE A 72 -7.91 -2.09 0.12
CA ILE A 72 -8.91 -1.17 -0.40
C ILE A 72 -10.18 -1.91 -0.88
N HIS A 73 -11.34 -1.44 -0.43
CA HIS A 73 -12.61 -2.12 -0.69
C HIS A 73 -13.23 -1.70 -2.03
N LEU A 74 -13.41 -2.66 -2.92
CA LEU A 74 -14.09 -2.42 -4.19
C LEU A 74 -15.59 -2.31 -4.00
N GLU A 75 -16.18 -1.15 -4.27
CA GLU A 75 -17.65 -1.03 -4.29
C GLU A 75 -18.24 -1.72 -5.52
N GLY A 76 -17.66 -1.48 -6.69
CA GLY A 76 -18.17 -2.07 -7.92
C GLY A 76 -17.58 -1.45 -9.18
N VAL A 77 -18.17 -1.77 -10.32
CA VAL A 77 -17.74 -1.22 -11.59
C VAL A 77 -18.95 -0.76 -12.38
N VAL A 78 -18.70 0.10 -13.36
CA VAL A 78 -19.70 0.48 -14.34
C VAL A 78 -19.20 0.02 -15.69
N THR A 79 -19.99 -0.84 -16.33
CA THR A 79 -19.62 -1.44 -17.61
C THR A 79 -20.76 -1.42 -18.63
N LYS A 80 -21.99 -1.24 -18.13
CA LYS A 80 -23.15 -1.14 -19.01
C LYS A 80 -23.06 0.16 -19.78
N CYS A 81 -22.37 1.12 -19.16
CA CYS A 81 -22.29 2.50 -19.64
C CYS A 81 -20.88 2.91 -20.04
N LYS A 82 -20.77 4.05 -20.71
CA LYS A 82 -19.48 4.61 -21.08
C LYS A 82 -19.31 5.98 -20.44
N PRO A 83 -18.12 6.27 -19.92
CA PRO A 83 -16.93 5.40 -19.93
C PRO A 83 -16.97 4.39 -18.79
N VAL A 84 -16.16 3.32 -18.89
CA VAL A 84 -16.06 2.35 -17.81
C VAL A 84 -15.46 2.98 -16.57
N MET A 85 -15.85 2.48 -15.39
CA MET A 85 -15.37 3.01 -14.13
C MET A 85 -15.12 1.89 -13.11
N ILE A 86 -14.23 2.15 -12.18
CA ILE A 86 -14.00 1.31 -11.02
C ILE A 86 -14.28 2.18 -9.81
N ILE A 87 -15.12 1.69 -8.90
CA ILE A 87 -15.55 2.46 -7.74
C ILE A 87 -15.03 1.80 -6.48
N THR A 88 -14.27 2.54 -5.69
CA THR A 88 -13.79 2.01 -4.41
C THR A 88 -14.25 2.91 -3.27
N GLU A 89 -14.05 2.45 -2.03
CA GLU A 89 -14.34 3.25 -0.85
C GLU A 89 -13.48 4.51 -0.82
N TYR A 90 -14.05 5.64 -0.42
CA TYR A 90 -13.28 6.88 -0.33
C TYR A 90 -12.38 6.91 0.89
N MET A 91 -11.09 7.19 0.66
CA MET A 91 -10.11 7.25 1.75
C MET A 91 -9.69 8.71 1.96
N GLU A 92 -10.14 9.27 3.08
CA GLU A 92 -10.12 10.71 3.31
C GLU A 92 -8.72 11.34 3.29
N ASN A 93 -7.74 10.65 3.87
CA ASN A 93 -6.38 11.17 3.96
C ASN A 93 -5.46 10.71 2.82
N GLY A 94 -6.05 10.12 1.78
CA GLY A 94 -5.31 9.79 0.57
C GLY A 94 -4.13 8.84 0.75
N SER A 95 -3.09 9.09 -0.02
CA SER A 95 -1.87 8.27 -0.04
C SER A 95 -1.02 8.46 1.22
N LEU A 96 -0.53 7.35 1.76
CA LEU A 96 0.22 7.38 3.01
C LEU A 96 1.47 8.28 2.97
N ASP A 97 2.21 8.23 1.87
CA ASP A 97 3.44 9.03 1.78
C ASP A 97 3.13 10.52 1.88
N ALA A 98 2.26 10.98 1.00
CA ALA A 98 1.84 12.37 0.99
C ALA A 98 1.32 12.74 2.35
N PHE A 99 0.57 11.83 2.94
CA PHE A 99 -0.10 12.09 4.21
C PHE A 99 0.87 12.32 5.37
N LEU A 100 1.83 11.42 5.54
CA LEU A 100 2.84 11.57 6.58
C LEU A 100 3.67 12.84 6.38
N ARG A 101 4.02 13.14 5.15
CA ARG A 101 4.83 14.33 4.83
C ARG A 101 4.14 15.65 5.14
N LYS A 102 2.80 15.66 5.10
CA LYS A 102 2.01 16.82 5.50
C LYS A 102 1.79 16.84 6.99
N ASN A 103 2.14 15.76 7.67
CA ASN A 103 1.93 15.68 9.11
C ASN A 103 3.19 15.26 9.85
N ASP A 104 4.32 15.79 9.38
CA ASP A 104 5.62 15.39 9.89
C ASP A 104 5.70 15.68 11.39
N GLY A 105 5.81 14.63 12.19
CA GLY A 105 5.98 14.74 13.64
C GLY A 105 4.71 14.68 14.47
N ARG A 106 3.57 14.60 13.80
CA ARG A 106 2.29 14.78 14.49
C ARG A 106 1.71 13.56 15.21
N PHE A 107 2.21 12.37 14.95
CA PHE A 107 1.60 11.19 15.57
C PHE A 107 2.49 10.57 16.63
N THR A 108 1.91 9.67 17.43
CA THR A 108 2.71 8.98 18.43
C THR A 108 3.32 7.72 17.82
N VAL A 109 4.33 7.19 18.49
CA VAL A 109 4.97 5.98 18.05
C VAL A 109 3.92 4.87 17.93
N ILE A 110 3.05 4.78 18.93
CA ILE A 110 2.02 3.74 18.96
C ILE A 110 1.05 3.84 17.77
N GLN A 111 0.70 5.06 17.39
CA GLN A 111 -0.14 5.29 16.22
C GLN A 111 0.57 4.84 14.93
N LEU A 112 1.85 5.19 14.80
CA LEU A 112 2.63 4.77 13.63
C LEU A 112 2.70 3.24 13.53
N VAL A 113 2.92 2.57 14.66
CA VAL A 113 3.00 1.10 14.71
C VAL A 113 1.64 0.48 14.37
N GLY A 114 0.56 1.14 14.80
CA GLY A 114 -0.78 0.74 14.38
C GLY A 114 -0.94 0.73 12.87
N MET A 115 -0.49 1.80 12.21
CA MET A 115 -0.56 1.90 10.76
C MET A 115 0.24 0.76 10.13
N LEU A 116 1.45 0.52 10.63
CA LEU A 116 2.31 -0.56 10.13
C LEU A 116 1.68 -1.94 10.37
N ARG A 117 0.97 -2.07 11.49
CA ARG A 117 0.28 -3.33 11.81
C ARG A 117 -0.86 -3.59 10.83
N GLY A 118 -1.61 -2.55 10.48
CA GLY A 118 -2.66 -2.68 9.48
C GLY A 118 -2.11 -3.06 8.11
N ILE A 119 -1.04 -2.40 7.69
CA ILE A 119 -0.44 -2.74 6.40
C ILE A 119 0.04 -4.20 6.40
N GLY A 120 0.69 -4.61 7.48
CA GLY A 120 1.17 -5.98 7.62
C GLY A 120 0.02 -6.97 7.56
N SER A 121 -1.10 -6.60 8.16
CA SER A 121 -2.24 -7.48 8.18
C SER A 121 -2.83 -7.66 6.78
N GLY A 122 -2.83 -6.60 5.98
CA GLY A 122 -3.32 -6.69 4.62
C GLY A 122 -2.38 -7.52 3.75
N MET A 123 -1.08 -7.37 3.97
CA MET A 123 -0.11 -8.13 3.17
C MET A 123 -0.17 -9.62 3.52
N LYS A 124 -0.42 -9.95 4.79
CA LYS A 124 -0.57 -11.36 5.15
C LYS A 124 -1.75 -11.97 4.39
N TYR A 125 -2.87 -11.26 4.37
CA TYR A 125 -4.05 -11.71 3.62
C TYR A 125 -3.74 -11.88 2.14
N LEU A 126 -3.11 -10.87 1.52
CA LEU A 126 -2.68 -10.98 0.12
C LEU A 126 -1.79 -12.18 -0.17
N SER A 127 -0.75 -12.36 0.63
CA SER A 127 0.19 -13.45 0.38
C SER A 127 -0.41 -14.83 0.76
N ASP A 128 -1.29 -14.86 1.77
CA ASP A 128 -2.12 -16.05 2.05
C ASP A 128 -2.71 -16.60 0.74
N MET A 129 -3.14 -15.69 -0.13
CA MET A 129 -3.83 -16.07 -1.35
C MET A 129 -2.89 -16.21 -2.55
N SER A 130 -1.58 -16.24 -2.29
CA SER A 130 -0.58 -16.44 -3.33
C SER A 130 -0.47 -15.25 -4.28
N TYR A 131 -0.87 -14.07 -3.83
CA TYR A 131 -0.71 -12.87 -4.64
C TYR A 131 0.58 -12.14 -4.24
N VAL A 132 1.34 -11.70 -5.24
CA VAL A 132 2.55 -10.92 -5.00
C VAL A 132 2.30 -9.52 -5.50
N HIS A 133 2.51 -8.53 -4.64
CA HIS A 133 2.17 -7.14 -4.98
C HIS A 133 3.20 -6.57 -5.94
N ARG A 134 4.48 -6.71 -5.60
CA ARG A 134 5.59 -6.28 -6.46
C ARG A 134 5.89 -4.78 -6.40
N ASP A 135 4.92 -4.01 -5.93
CA ASP A 135 5.05 -2.55 -5.92
C ASP A 135 4.64 -1.96 -4.57
N LEU A 136 5.02 -2.65 -3.49
CA LEU A 136 4.60 -2.21 -2.15
C LEU A 136 5.48 -1.03 -1.67
N ALA A 137 4.82 0.09 -1.39
CA ALA A 137 5.48 1.35 -1.02
C ALA A 137 4.40 2.23 -0.41
N ALA A 138 4.83 3.24 0.35
CA ALA A 138 3.91 4.09 1.08
C ALA A 138 2.98 4.82 0.14
N ARG A 139 3.48 5.13 -1.07
CA ARG A 139 2.66 5.75 -2.09
C ARG A 139 1.45 4.88 -2.50
N ASN A 140 1.56 3.55 -2.33
CA ASN A 140 0.48 2.63 -2.70
C ASN A 140 -0.34 2.09 -1.52
N ILE A 141 -0.28 2.79 -0.39
CA ILE A 141 -1.13 2.53 0.76
C ILE A 141 -2.06 3.74 0.88
N LEU A 142 -3.36 3.51 1.09
CA LEU A 142 -4.32 4.62 1.27
C LEU A 142 -4.75 4.75 2.73
N VAL A 143 -5.14 5.94 3.16
CA VAL A 143 -5.40 6.20 4.59
C VAL A 143 -6.73 6.90 4.82
N ASN A 144 -7.56 6.34 5.70
CA ASN A 144 -8.88 6.91 6.00
C ASN A 144 -8.87 7.84 7.23
N SER A 145 -10.00 8.48 7.51
CA SER A 145 -10.05 9.51 8.56
C SER A 145 -9.73 8.95 9.95
N ASN A 146 -9.85 7.64 10.11
CA ASN A 146 -9.49 6.99 11.37
C ASN A 146 -8.07 6.42 11.35
N LEU A 147 -7.29 6.84 10.36
CA LEU A 147 -5.89 6.44 10.23
C LEU A 147 -5.75 4.94 9.92
N VAL A 148 -6.82 4.29 9.50
CA VAL A 148 -6.70 2.90 9.05
C VAL A 148 -5.99 2.89 7.69
N CYS A 149 -4.94 2.10 7.58
CA CYS A 149 -4.16 1.98 6.34
C CYS A 149 -4.55 0.75 5.55
N LYS A 150 -4.71 0.92 4.24
CA LYS A 150 -5.16 -0.18 3.38
C LYS A 150 -4.28 -0.30 2.15
N VAL A 151 -3.88 -1.53 1.84
CA VAL A 151 -3.06 -1.77 0.67
C VAL A 151 -3.88 -1.50 -0.60
N SER A 152 -3.27 -0.79 -1.55
CA SER A 152 -3.91 -0.42 -2.80
C SER A 152 -3.09 -0.87 -4.01
N ASP A 153 -3.30 -0.20 -5.14
CA ASP A 153 -2.46 -0.34 -6.32
C ASP A 153 -2.47 -1.74 -6.88
N PHE A 154 -3.64 -2.18 -7.34
CA PHE A 154 -3.76 -3.47 -7.98
C PHE A 154 -4.01 -3.25 -9.49
N ILE A 175 11.53 -2.40 -11.62
CA ILE A 175 10.64 -1.29 -11.33
C ILE A 175 11.26 -0.32 -10.33
N PRO A 176 10.58 -0.12 -9.21
CA PRO A 176 11.06 0.82 -8.17
C PRO A 176 12.27 0.27 -7.38
N ILE A 177 13.47 0.51 -7.89
CA ILE A 177 14.70 -0.08 -7.35
C ILE A 177 14.84 -0.05 -5.81
N ARG A 178 14.71 1.14 -5.24
CA ARG A 178 14.91 1.37 -3.79
C ARG A 178 13.99 0.55 -2.90
N TRP A 179 12.89 0.06 -3.48
CA TRP A 179 11.86 -0.65 -2.72
C TRP A 179 11.95 -2.15 -2.97
N THR A 180 12.86 -2.56 -3.85
CA THR A 180 12.82 -3.93 -4.38
C THR A 180 13.96 -4.80 -3.87
N ALA A 181 13.60 -6.01 -3.45
CA ALA A 181 14.56 -6.96 -2.91
C ALA A 181 15.65 -7.29 -3.94
N PRO A 182 16.88 -7.54 -3.45
CA PRO A 182 18.04 -7.82 -4.33
C PRO A 182 17.81 -8.97 -5.33
N GLU A 183 17.23 -10.08 -4.88
CA GLU A 183 16.98 -11.20 -5.79
C GLU A 183 15.94 -10.89 -6.87
N ALA A 184 15.05 -9.92 -6.58
CA ALA A 184 14.03 -9.53 -7.55
C ALA A 184 14.62 -8.60 -8.61
N ILE A 185 15.55 -7.75 -8.19
CA ILE A 185 16.33 -6.98 -9.14
C ILE A 185 17.24 -7.91 -9.96
N ALA A 186 18.00 -8.78 -9.28
CA ALA A 186 19.04 -9.54 -9.96
C ALA A 186 18.52 -10.69 -10.82
N TYR A 187 17.49 -11.38 -10.33
CA TYR A 187 16.96 -12.56 -11.01
C TYR A 187 15.49 -12.42 -11.40
N ARG A 188 14.95 -11.23 -11.23
CA ARG A 188 13.52 -11.01 -11.42
C ARG A 188 12.73 -12.10 -10.68
N LYS A 189 13.21 -12.46 -9.48
CA LYS A 189 12.53 -13.41 -8.61
C LYS A 189 11.59 -12.73 -7.58
N PHE A 190 10.32 -12.58 -7.95
CA PHE A 190 9.30 -11.89 -7.13
C PHE A 190 8.41 -12.85 -6.36
N THR A 191 8.46 -12.79 -5.04
CA THR A 191 7.66 -13.66 -4.18
C THR A 191 7.11 -12.86 -2.99
N SER A 192 6.40 -13.53 -2.09
CA SER A 192 5.96 -12.89 -0.86
C SER A 192 7.18 -12.43 -0.05
N ALA A 193 8.32 -13.11 -0.25
CA ALA A 193 9.54 -12.76 0.47
C ALA A 193 10.19 -11.45 -0.03
N SER A 194 10.07 -11.14 -1.32
CA SER A 194 10.49 -9.83 -1.81
C SER A 194 9.47 -8.74 -1.45
N ASP A 195 8.21 -9.11 -1.27
CA ASP A 195 7.24 -8.18 -0.71
C ASP A 195 7.60 -7.80 0.74
N VAL A 196 8.13 -8.77 1.50
CA VAL A 196 8.57 -8.50 2.88
C VAL A 196 9.76 -7.51 2.89
N TRP A 197 10.66 -7.62 1.91
CA TRP A 197 11.74 -6.64 1.80
C TRP A 197 11.13 -5.24 1.63
N SER A 198 10.20 -5.14 0.68
CA SER A 198 9.47 -3.90 0.41
C SER A 198 8.74 -3.38 1.65
N TYR A 199 8.15 -4.31 2.42
CA TYR A 199 7.46 -3.93 3.67
C TYR A 199 8.45 -3.28 4.64
N GLY A 200 9.65 -3.86 4.74
CA GLY A 200 10.72 -3.25 5.55
C GLY A 200 10.97 -1.81 5.12
N ILE A 201 10.97 -1.56 3.82
CA ILE A 201 11.20 -0.20 3.33
C ILE A 201 10.02 0.70 3.74
N VAL A 202 8.80 0.17 3.64
CA VAL A 202 7.62 0.88 4.11
C VAL A 202 7.69 1.26 5.60
N MET A 203 8.10 0.32 6.46
CA MET A 203 8.30 0.65 7.88
C MET A 203 9.22 1.86 8.05
N TRP A 204 10.26 1.89 7.22
CA TRP A 204 11.25 2.95 7.33
C TRP A 204 10.64 4.25 6.85
N GLU A 205 9.86 4.17 5.78
CA GLU A 205 9.15 5.35 5.29
C GLU A 205 8.24 5.92 6.39
N VAL A 206 7.47 5.04 7.02
CA VAL A 206 6.48 5.46 7.99
C VAL A 206 7.17 6.13 9.18
N MET A 207 8.13 5.44 9.79
CA MET A 207 8.79 5.95 10.99
C MET A 207 9.58 7.21 10.68
N SER A 208 9.81 7.50 9.39
CA SER A 208 10.48 8.72 8.98
C SER A 208 9.55 9.80 8.45
N TYR A 209 8.24 9.54 8.45
CA TYR A 209 7.29 10.51 7.89
C TYR A 209 7.55 10.79 6.41
N GLY A 210 7.89 9.74 5.68
CA GLY A 210 7.95 9.83 4.24
C GLY A 210 9.27 10.34 3.67
N GLU A 211 10.38 10.06 4.35
CA GLU A 211 11.66 10.36 3.73
C GLU A 211 11.94 9.40 2.59
N ARG A 212 12.83 9.79 1.69
CA ARG A 212 13.17 8.97 0.54
C ARG A 212 14.20 7.93 0.96
N PRO A 213 13.87 6.63 0.79
CA PRO A 213 14.86 5.59 1.12
C PRO A 213 16.17 5.85 0.38
N TYR A 214 17.28 5.83 1.13
CA TYR A 214 18.64 5.96 0.60
C TYR A 214 18.96 7.41 0.14
N TRP A 215 18.05 8.33 0.39
CA TRP A 215 18.29 9.75 0.14
C TRP A 215 18.79 10.03 -1.28
N ASP A 216 19.91 10.71 -1.37
CA ASP A 216 20.46 11.14 -2.65
C ASP A 216 21.33 10.09 -3.35
N MET A 217 21.48 8.91 -2.75
CA MET A 217 22.19 7.82 -3.42
C MET A 217 21.49 7.52 -4.75
N SER A 218 22.27 7.18 -5.78
CA SER A 218 21.69 6.80 -7.06
C SER A 218 21.18 5.37 -6.99
N ASN A 219 20.44 4.93 -8.00
CA ASN A 219 20.01 3.54 -8.03
C ASN A 219 21.19 2.55 -7.96
N GLN A 220 22.22 2.81 -8.76
CA GLN A 220 23.41 1.96 -8.77
C GLN A 220 24.11 1.98 -7.41
N ASP A 221 24.21 3.14 -6.78
CA ASP A 221 24.78 3.22 -5.43
C ASP A 221 24.04 2.29 -4.48
N VAL A 222 22.71 2.35 -4.53
CA VAL A 222 21.85 1.52 -3.68
C VAL A 222 22.12 0.02 -3.90
N ILE A 223 22.06 -0.41 -5.16
CA ILE A 223 22.31 -1.80 -5.50
C ILE A 223 23.64 -2.32 -4.93
N LYS A 224 24.70 -1.55 -5.14
CA LYS A 224 26.03 -1.97 -4.66
C LYS A 224 26.18 -1.88 -3.13
N ALA A 225 25.56 -0.89 -2.51
CA ALA A 225 25.54 -0.80 -1.04
C ALA A 225 24.87 -2.05 -0.46
N ILE A 226 23.69 -2.39 -0.97
CA ILE A 226 22.93 -3.54 -0.45
C ILE A 226 23.80 -4.79 -0.57
N GLU A 227 24.35 -4.99 -1.76
CA GLU A 227 25.21 -6.14 -2.03
C GLU A 227 26.38 -6.24 -1.05
N GLU A 228 26.97 -5.11 -0.68
CA GLU A 228 28.08 -5.11 0.28
C GLU A 228 27.62 -5.15 1.75
N GLY A 229 26.33 -5.33 2.00
CA GLY A 229 25.83 -5.44 3.36
C GLY A 229 25.40 -4.14 4.04
N TYR A 230 25.31 -3.05 3.29
CA TYR A 230 24.75 -1.83 3.87
C TYR A 230 23.24 -1.99 4.12
N ARG A 231 22.76 -1.47 5.24
CA ARG A 231 21.33 -1.36 5.48
C ARG A 231 21.03 0.00 6.10
N LEU A 232 19.85 0.54 5.79
CA LEU A 232 19.40 1.82 6.32
C LEU A 232 19.41 1.83 7.85
N PRO A 233 19.78 2.98 8.44
CA PRO A 233 19.78 3.20 9.90
C PRO A 233 18.36 3.48 10.43
N PRO A 234 18.19 3.46 11.76
CA PRO A 234 16.88 3.82 12.31
C PRO A 234 16.52 5.23 11.88
N PRO A 235 15.25 5.47 11.53
CA PRO A 235 14.86 6.88 11.36
C PRO A 235 15.01 7.61 12.70
N MET A 236 15.07 8.94 12.66
CA MET A 236 15.25 9.72 13.88
C MET A 236 14.20 9.34 14.91
N ASP A 237 14.65 9.05 16.12
CA ASP A 237 13.76 8.71 17.24
C ASP A 237 12.98 7.41 17.05
N CYS A 238 13.41 6.56 16.13
CA CYS A 238 12.73 5.29 15.93
C CYS A 238 13.15 4.27 17.01
N PRO A 239 12.17 3.58 17.63
CA PRO A 239 12.48 2.50 18.57
C PRO A 239 13.43 1.49 17.95
N ILE A 240 14.34 0.96 18.73
CA ILE A 240 15.26 -0.08 18.30
C ILE A 240 14.58 -1.37 17.85
N ALA A 241 13.49 -1.75 18.52
CA ALA A 241 12.78 -2.99 18.18
C ALA A 241 12.16 -2.91 16.79
N LEU A 242 11.71 -1.72 16.41
CA LEU A 242 11.16 -1.52 15.08
C LEU A 242 12.28 -1.59 14.02
N HIS A 243 13.41 -0.92 14.26
CA HIS A 243 14.52 -1.00 13.34
C HIS A 243 15.07 -2.40 13.21
N GLN A 244 15.04 -3.16 14.30
CA GLN A 244 15.50 -4.54 14.23
C GLN A 244 14.58 -5.37 13.32
N LEU A 245 13.29 -5.08 13.36
CA LEU A 245 12.34 -5.76 12.46
C LEU A 245 12.60 -5.37 11.00
N MET A 246 12.89 -4.10 10.73
CA MET A 246 13.27 -3.72 9.37
C MET A 246 14.45 -4.57 8.91
N LEU A 247 15.48 -4.67 9.77
CA LEU A 247 16.68 -5.47 9.45
C LEU A 247 16.37 -6.95 9.14
N ASP A 248 15.47 -7.55 9.93
CA ASP A 248 14.96 -8.89 9.64
C ASP A 248 14.39 -8.93 8.21
N CYS A 249 13.57 -7.93 7.86
CA CYS A 249 12.92 -7.88 6.55
C CYS A 249 13.92 -7.75 5.41
N TRP A 250 15.10 -7.18 5.70
CA TRP A 250 16.10 -6.93 4.68
C TRP A 250 17.24 -7.97 4.71
N GLN A 251 16.98 -9.14 5.27
CA GLN A 251 17.96 -10.23 5.26
C GLN A 251 18.29 -10.55 3.80
N LYS A 252 19.57 -10.77 3.51
CA LYS A 252 19.99 -11.00 2.12
C LYS A 252 19.35 -12.26 1.53
N GLU A 253 19.38 -13.36 2.28
CA GLU A 253 18.75 -14.58 1.82
C GLU A 253 17.26 -14.49 2.08
N ARG A 254 16.47 -14.61 1.02
CA ARG A 254 15.03 -14.43 1.12
C ARG A 254 14.40 -15.38 2.15
N SER A 255 14.95 -16.57 2.27
CA SER A 255 14.40 -17.56 3.21
C SER A 255 14.63 -17.17 4.67
N ASP A 256 15.55 -16.22 4.91
CA ASP A 256 15.84 -15.79 6.27
C ASP A 256 14.90 -14.71 6.81
N ARG A 257 14.08 -14.14 5.92
CA ARG A 257 13.20 -13.04 6.31
C ARG A 257 11.95 -13.57 7.03
N PRO A 258 11.40 -12.78 7.96
CA PRO A 258 10.15 -13.23 8.60
C PRO A 258 8.97 -13.28 7.61
N LYS A 259 8.02 -14.18 7.84
CA LYS A 259 6.76 -14.21 7.07
C LYS A 259 5.85 -13.08 7.53
N PHE A 260 4.89 -12.67 6.71
CA PHE A 260 3.99 -11.59 7.12
C PHE A 260 3.24 -11.89 8.42
N GLY A 261 2.86 -13.16 8.61
CA GLY A 261 2.19 -13.57 9.83
C GLY A 261 3.04 -13.33 11.06
N GLN A 262 4.34 -13.58 10.94
CA GLN A 262 5.30 -13.29 12.02
C GLN A 262 5.53 -11.82 12.23
N ILE A 263 5.52 -11.06 11.14
CA ILE A 263 5.62 -9.61 11.21
C ILE A 263 4.45 -9.04 12.03
N VAL A 264 3.24 -9.47 11.68
CA VAL A 264 2.04 -9.02 12.38
C VAL A 264 2.07 -9.42 13.87
N ASN A 265 2.47 -10.66 14.14
CA ASN A 265 2.56 -11.12 15.53
C ASN A 265 3.61 -10.32 16.31
N MET A 266 4.75 -10.05 15.68
CA MET A 266 5.73 -9.22 16.36
C MET A 266 5.20 -7.81 16.65
N LEU A 267 4.40 -7.24 15.75
CA LEU A 267 3.90 -5.88 15.97
C LEU A 267 2.81 -5.82 17.06
N ASP A 268 1.93 -6.83 17.06
CA ASP A 268 0.96 -7.04 18.14
C ASP A 268 1.67 -7.10 19.49
N LYS A 269 2.75 -7.85 19.55
CA LYS A 269 3.53 -7.96 20.78
C LYS A 269 4.13 -6.62 21.22
N LEU A 270 4.68 -5.86 20.28
CA LEU A 270 5.21 -4.56 20.65
C LEU A 270 4.08 -3.66 21.16
N ILE A 271 2.94 -3.75 20.50
CA ILE A 271 1.78 -2.94 20.86
C ILE A 271 1.27 -3.39 22.23
N ARG A 272 1.14 -4.70 22.41
CA ARG A 272 0.70 -5.28 23.69
C ARG A 272 1.63 -4.98 24.88
N ASN A 273 2.93 -4.88 24.61
CA ASN A 273 3.92 -4.54 25.64
C ASN A 273 4.68 -3.25 25.36
N PRO A 274 4.00 -2.10 25.43
CA PRO A 274 4.52 -0.81 24.96
C PRO A 274 5.87 -0.40 25.52
N ASN A 275 6.34 -1.04 26.59
CA ASN A 275 7.66 -0.74 27.12
C ASN A 275 8.79 -1.20 26.19
N SER A 276 8.48 -2.16 25.33
CA SER A 276 9.46 -2.67 24.39
C SER A 276 9.81 -1.59 23.35
N LEU A 277 9.02 -0.52 23.31
CA LEU A 277 9.20 0.56 22.34
C LEU A 277 10.01 1.71 22.90
N LYS A 278 10.30 1.63 24.20
CA LYS A 278 10.97 2.73 24.88
C LYS A 278 12.40 2.88 24.39
N ARG A 279 13.10 1.75 24.24
CA ARG A 279 14.49 1.80 23.81
C ARG A 279 14.59 2.34 22.38
N THR A 280 15.28 3.47 22.23
CA THR A 280 15.54 4.04 20.93
C THR A 280 17.05 4.07 20.68
#